data_4GZR
#
_entry.id   4GZR
#
_cell.length_a   76.100
_cell.length_b   112.070
_cell.length_c   95.310
_cell.angle_alpha   90.000
_cell.angle_beta   90.000
_cell.angle_gamma   90.000
#
_symmetry.space_group_name_H-M   'C 2 2 21'
#
loop_
_entity.id
_entity.type
_entity.pdbx_description
1 polymer 'ESAT-6-like protein 6'
2 polymer 'ESAT-6-like protein 7'
3 non-polymer 'SULFATE ION'
4 water water
#
loop_
_entity_poly.entity_id
_entity_poly.type
_entity_poly.pdbx_seq_one_letter_code
_entity_poly.pdbx_strand_id
1 'polypeptide(L)'
;MTINYQFGDVDAHGAMIRAQAGLLEAEHQAIVRDVLAAGDFWGGAGSVACQEFITQLGRNFQVIYEQANAHGQKVQAAGN
NMAQTDSAVGSSWATHHHHHH
;
A,C
2 'polypeptide(L)'
;SMATRFMTDPHAMRDMAGRFEVHAQTVEDEARRMWASAQNISGAGWSGMAEATSLDTMAQMNQAFRNIVNMLHGVRDGLV
RDANNYEQQEQASQQILSS
;
B,D
#
# COMPACT_ATOMS: atom_id res chain seq x y z
N ALA A 12 -0.67 21.60 3.35
CA ALA A 12 -1.25 20.27 3.57
C ALA A 12 -0.97 19.38 2.38
N HIS A 13 -0.73 20.01 1.24
CA HIS A 13 -0.25 19.29 0.07
C HIS A 13 1.19 18.83 0.29
N GLY A 14 1.87 19.41 1.26
CA GLY A 14 3.17 18.92 1.65
C GLY A 14 3.04 17.68 2.53
N ALA A 15 2.03 17.68 3.39
CA ALA A 15 1.79 16.55 4.28
C ALA A 15 1.44 15.32 3.49
N MET A 16 0.71 15.49 2.40
CA MET A 16 0.27 14.38 1.60
C MET A 16 1.48 13.69 0.98
N ILE A 17 2.36 14.50 0.39
CA ILE A 17 3.56 14.02 -0.25
C ILE A 17 4.47 13.32 0.71
N ARG A 18 4.67 13.91 1.88
CA ARG A 18 5.44 13.19 2.88
C ARG A 18 4.81 11.86 3.25
N ALA A 19 3.48 11.79 3.34
CA ALA A 19 2.80 10.56 3.75
C ALA A 19 2.91 9.51 2.67
N GLN A 20 2.65 9.93 1.45
CA GLN A 20 2.78 9.02 0.36
C GLN A 20 4.19 8.45 0.31
N ALA A 21 5.18 9.27 0.71
CA ALA A 21 6.58 8.82 0.76
C ALA A 21 6.80 7.72 1.82
N GLY A 22 6.32 7.97 3.03
CA GLY A 22 6.37 6.95 4.07
C GLY A 22 5.76 5.66 3.58
N LEU A 23 4.70 5.80 2.83
CA LEU A 23 3.97 4.69 2.26
C LEU A 23 4.83 3.93 1.23
N LEU A 24 5.47 4.70 0.36
CA LEU A 24 6.41 4.13 -0.57
C LEU A 24 7.55 3.45 0.18
N GLU A 25 8.12 4.08 1.19
CA GLU A 25 9.17 3.42 1.94
C GLU A 25 8.74 2.10 2.62
N ALA A 26 7.47 2.00 3.04
CA ALA A 26 7.01 0.71 3.57
C ALA A 26 7.01 -0.36 2.50
N GLU A 27 6.72 0.06 1.28
CA GLU A 27 6.65 -0.86 0.16
C GLU A 27 8.00 -1.40 -0.11
N HIS A 28 8.95 -0.49 -0.19
CA HIS A 28 10.35 -0.84 -0.36
C HIS A 28 10.72 -1.96 0.62
N GLN A 29 10.49 -1.73 1.91
CA GLN A 29 10.83 -2.70 2.94
C GLN A 29 10.12 -4.00 2.72
N ALA A 30 8.87 -3.94 2.26
CA ALA A 30 8.11 -5.17 2.08
C ALA A 30 8.71 -5.95 0.94
N ILE A 31 9.20 -5.24 -0.06
CA ILE A 31 9.86 -5.89 -1.23
C ILE A 31 11.17 -6.56 -0.86
N VAL A 32 11.96 -5.91 -0.01
CA VAL A 32 13.24 -6.51 0.43
C VAL A 32 12.96 -7.81 1.19
N ARG A 33 11.95 -7.80 2.07
CA ARG A 33 11.58 -9.05 2.76
C ARG A 33 11.19 -10.13 1.76
N ASP A 34 10.56 -9.75 0.66
CA ASP A 34 10.23 -10.76 -0.35
C ASP A 34 11.40 -11.19 -1.22
N VAL A 35 12.28 -10.26 -1.57
CA VAL A 35 13.52 -10.60 -2.26
C VAL A 35 14.35 -11.60 -1.42
N LEU A 36 14.40 -11.38 -0.11
CA LEU A 36 15.07 -12.31 0.79
C LEU A 36 14.39 -13.64 0.80
N ALA A 37 13.08 -13.64 0.79
CA ALA A 37 12.35 -14.91 0.81
C ALA A 37 12.54 -15.63 -0.53
N ALA A 38 12.69 -14.87 -1.62
CA ALA A 38 12.95 -15.48 -2.93
C ALA A 38 14.43 -15.43 -3.29
N GLY A 39 15.29 -15.48 -2.27
CA GLY A 39 16.71 -15.30 -2.50
C GLY A 39 17.28 -16.28 -3.49
N ASP A 40 16.75 -17.51 -3.51
CA ASP A 40 17.28 -18.58 -4.38
C ASP A 40 17.21 -18.17 -5.85
N PHE A 41 16.24 -17.32 -6.19
CA PHE A 41 16.12 -16.84 -7.56
C PHE A 41 17.42 -16.21 -8.05
N TRP A 42 18.17 -15.62 -7.14
CA TRP A 42 19.39 -14.97 -7.57
C TRP A 42 20.59 -15.82 -7.21
N GLY A 43 20.33 -17.10 -6.90
CA GLY A 43 21.36 -18.03 -6.49
C GLY A 43 21.81 -17.80 -5.06
N GLY A 44 20.84 -17.56 -4.18
CA GLY A 44 21.12 -17.29 -2.78
C GLY A 44 20.75 -15.85 -2.40
N ALA A 45 20.23 -15.65 -1.19
CA ALA A 45 19.89 -14.30 -0.73
C ALA A 45 21.14 -13.45 -0.50
N GLY A 46 22.28 -14.12 -0.29
CA GLY A 46 23.55 -13.45 -0.06
C GLY A 46 24.39 -13.31 -1.32
N SER A 47 23.95 -13.89 -2.43
CA SER A 47 24.65 -13.77 -3.71
C SER A 47 24.81 -12.31 -4.13
N VAL A 48 25.98 -11.98 -4.67
CA VAL A 48 26.20 -10.66 -5.23
C VAL A 48 25.13 -10.26 -6.27
N ALA A 49 24.44 -11.23 -6.86
CA ALA A 49 23.37 -10.92 -7.80
C ALA A 49 22.21 -10.39 -6.99
N CYS A 50 21.94 -11.01 -5.86
CA CYS A 50 20.84 -10.58 -5.03
C CYS A 50 21.11 -9.17 -4.44
N GLN A 51 22.32 -8.97 -3.94
CA GLN A 51 22.64 -7.75 -3.26
C GLN A 51 22.66 -6.58 -4.22
N GLU A 52 23.02 -6.84 -5.46
CA GLU A 52 23.00 -5.76 -6.45
C GLU A 52 21.58 -5.38 -6.79
N PHE A 53 20.71 -6.38 -6.85
CA PHE A 53 19.30 -6.12 -7.10
C PHE A 53 18.77 -5.20 -6.00
N ILE A 54 19.07 -5.58 -4.76
CA ILE A 54 18.66 -4.78 -3.64
C ILE A 54 19.27 -3.38 -3.68
N THR A 55 20.56 -3.30 -3.92
CA THR A 55 21.23 -2.02 -3.97
C THR A 55 20.61 -1.11 -5.03
N GLN A 56 20.24 -1.68 -6.18
CA GLN A 56 19.67 -0.89 -7.26
C GLN A 56 18.26 -0.46 -6.92
N LEU A 57 17.60 -1.30 -6.12
CA LEU A 57 16.26 -1.04 -5.68
C LEU A 57 16.29 0.15 -4.75
N GLY A 58 17.18 0.12 -3.75
CA GLY A 58 17.37 1.26 -2.87
C GLY A 58 17.73 2.57 -3.56
N ARG A 59 18.51 2.50 -4.63
CA ARG A 59 18.95 3.72 -5.32
C ARG A 59 17.73 4.43 -5.87
N ASN A 60 16.82 3.67 -6.45
CA ASN A 60 15.63 4.29 -6.99
C ASN A 60 14.68 4.80 -5.93
N PHE A 61 14.50 4.07 -4.83
CA PHE A 61 13.58 4.55 -3.81
C PHE A 61 14.15 5.79 -3.18
N GLN A 62 15.48 5.82 -3.05
CA GLN A 62 16.17 6.97 -2.48
C GLN A 62 15.93 8.24 -3.28
N VAL A 63 15.86 8.10 -4.60
CA VAL A 63 15.66 9.25 -5.45
C VAL A 63 14.32 9.84 -5.14
N ILE A 64 13.32 8.97 -5.08
CA ILE A 64 11.94 9.39 -4.90
C ILE A 64 11.78 9.99 -3.53
N TYR A 65 12.30 9.27 -2.55
CA TYR A 65 12.27 9.71 -1.17
C TYR A 65 12.87 11.12 -1.08
N GLU A 66 14.07 11.30 -1.64
CA GLU A 66 14.73 12.58 -1.55
C GLU A 66 13.79 13.67 -2.02
N GLN A 67 13.33 13.58 -3.27
CA GLN A 67 12.58 14.67 -3.86
C GLN A 67 11.20 14.92 -3.19
N ALA A 68 10.73 13.94 -2.43
CA ALA A 68 9.51 14.09 -1.67
C ALA A 68 9.78 14.84 -0.36
N ASN A 69 11.05 14.84 0.07
CA ASN A 69 11.44 15.47 1.34
C ASN A 69 12.52 16.55 1.13
N ARG B 5 13.32 -27.69 -2.61
CA ARG B 5 13.97 -26.39 -2.86
C ARG B 5 13.06 -25.44 -3.65
N PHE B 6 13.10 -24.16 -3.31
CA PHE B 6 12.28 -23.15 -3.96
C PHE B 6 12.27 -23.22 -5.51
N MET B 7 13.46 -23.16 -6.11
CA MET B 7 13.62 -23.19 -7.57
C MET B 7 13.35 -24.56 -8.22
N THR B 8 12.90 -25.53 -7.44
CA THR B 8 12.43 -26.75 -8.04
C THR B 8 10.93 -26.92 -7.78
N ASP B 9 10.28 -25.83 -7.36
CA ASP B 9 8.89 -25.88 -6.92
C ASP B 9 8.02 -24.94 -7.76
N PRO B 10 7.51 -25.45 -8.88
CA PRO B 10 6.75 -24.59 -9.79
C PRO B 10 5.66 -23.85 -9.07
N HIS B 11 5.07 -24.49 -8.08
CA HIS B 11 4.01 -23.87 -7.35
C HIS B 11 4.51 -22.74 -6.45
N ALA B 12 5.58 -22.95 -5.69
CA ALA B 12 6.15 -21.85 -4.91
C ALA B 12 6.64 -20.73 -5.81
N MET B 13 7.24 -21.09 -6.94
CA MET B 13 7.80 -20.06 -7.78
C MET B 13 6.69 -19.21 -8.32
N ARG B 14 5.60 -19.84 -8.69
CA ARG B 14 4.47 -19.09 -9.22
C ARG B 14 3.70 -18.30 -8.16
N ASP B 15 3.80 -18.72 -6.90
CA ASP B 15 3.27 -17.95 -5.80
C ASP B 15 4.05 -16.68 -5.58
N MET B 16 5.37 -16.78 -5.60
CA MET B 16 6.22 -15.63 -5.32
C MET B 16 6.05 -14.58 -6.43
N ALA B 17 5.90 -15.07 -7.66
CA ALA B 17 5.58 -14.22 -8.80
C ALA B 17 4.35 -13.44 -8.47
N GLY B 18 3.37 -14.11 -7.87
CA GLY B 18 2.18 -13.42 -7.43
C GLY B 18 2.51 -12.23 -6.54
N ARG B 19 3.25 -12.49 -5.46
CA ARG B 19 3.64 -11.46 -4.53
C ARG B 19 4.36 -10.36 -5.24
N PHE B 20 5.18 -10.69 -6.23
CA PHE B 20 5.91 -9.61 -6.88
C PHE B 20 5.01 -8.81 -7.80
N GLU B 21 4.00 -9.45 -8.36
CA GLU B 21 3.02 -8.77 -9.17
C GLU B 21 2.22 -7.76 -8.32
N VAL B 22 1.83 -8.18 -7.12
CA VAL B 22 1.15 -7.30 -6.18
C VAL B 22 1.98 -6.08 -5.83
N HIS B 23 3.30 -6.27 -5.64
CA HIS B 23 4.22 -5.13 -5.35
C HIS B 23 4.27 -4.23 -6.54
N ALA B 24 4.37 -4.78 -7.73
CA ALA B 24 4.38 -3.91 -8.89
C ALA B 24 3.12 -3.05 -8.89
N GLN B 25 1.98 -3.69 -8.66
CA GLN B 25 0.71 -3.04 -8.69
C GLN B 25 0.63 -1.94 -7.62
N THR B 26 1.19 -2.23 -6.45
CA THR B 26 1.14 -1.26 -5.36
C THR B 26 1.96 -0.06 -5.72
N VAL B 27 3.17 -0.29 -6.22
CA VAL B 27 4.08 0.80 -6.52
C VAL B 27 3.55 1.60 -7.71
N GLU B 28 2.94 0.94 -8.69
CA GLU B 28 2.31 1.69 -9.77
C GLU B 28 1.26 2.64 -9.19
N ASP B 29 0.46 2.16 -8.27
CA ASP B 29 -0.59 2.98 -7.70
C ASP B 29 -0.03 4.16 -6.92
N GLU B 30 0.98 3.90 -6.09
CA GLU B 30 1.52 4.98 -5.28
C GLU B 30 2.24 5.98 -6.17
N ALA B 31 2.73 5.55 -7.32
CA ALA B 31 3.39 6.49 -8.22
C ALA B 31 2.37 7.47 -8.79
N ARG B 32 1.19 6.96 -9.16
CA ARG B 32 0.17 7.84 -9.76
C ARG B 32 -0.35 8.85 -8.73
N ARG B 33 -0.60 8.41 -7.51
CA ARG B 33 -0.99 9.36 -6.49
C ARG B 33 0.14 10.35 -6.29
N MET B 34 1.34 9.85 -6.10
CA MET B 34 2.45 10.73 -5.80
C MET B 34 2.73 11.72 -6.93
N TRP B 35 2.66 11.25 -8.16
CA TRP B 35 2.80 12.15 -9.31
C TRP B 35 1.71 13.22 -9.30
N ALA B 36 0.51 12.85 -8.83
CA ALA B 36 -0.62 13.78 -8.79
C ALA B 36 -0.40 14.88 -7.77
N SER B 37 0.02 14.49 -6.57
CA SER B 37 0.39 15.44 -5.52
C SER B 37 1.48 16.42 -5.97
N ALA B 38 2.33 15.97 -6.89
CA ALA B 38 3.41 16.78 -7.46
C ALA B 38 2.89 17.88 -8.41
N GLN B 39 1.58 17.87 -8.66
CA GLN B 39 0.94 18.89 -9.49
C GLN B 39 1.38 18.65 -10.91
N LEU B 55 10.18 20.05 -13.44
CA LEU B 55 9.97 19.30 -14.69
C LEU B 55 11.09 18.29 -14.93
N ASP B 56 12.26 18.56 -14.38
CA ASP B 56 13.39 17.63 -14.46
C ASP B 56 13.49 16.82 -13.19
N THR B 57 13.08 17.43 -12.08
CA THR B 57 12.85 16.71 -10.83
C THR B 57 11.71 15.72 -11.03
N MET B 58 10.72 16.12 -11.81
CA MET B 58 9.63 15.24 -12.24
C MET B 58 10.14 14.07 -13.07
N ALA B 59 11.09 14.36 -13.95
CA ALA B 59 11.67 13.33 -14.81
C ALA B 59 12.35 12.31 -13.92
N GLN B 60 13.21 12.78 -13.02
CA GLN B 60 13.93 11.85 -12.15
C GLN B 60 13.02 10.89 -11.40
N MET B 61 11.89 11.41 -10.91
CA MET B 61 10.94 10.62 -10.15
C MET B 61 10.25 9.64 -11.07
N ASN B 62 9.77 10.15 -12.21
CA ASN B 62 9.17 9.26 -13.18
C ASN B 62 10.15 8.14 -13.51
N GLN B 63 11.43 8.45 -13.63
CA GLN B 63 12.36 7.44 -14.06
C GLN B 63 12.56 6.41 -12.96
N ALA B 64 12.87 6.90 -11.76
CA ALA B 64 13.02 5.99 -10.64
C ALA B 64 11.78 5.05 -10.54
N PHE B 65 10.58 5.60 -10.65
CA PHE B 65 9.37 4.78 -10.57
C PHE B 65 9.36 3.66 -11.58
N ARG B 66 9.68 3.97 -12.84
CA ARG B 66 9.69 2.98 -13.90
C ARG B 66 10.75 1.93 -13.66
N ASN B 67 11.95 2.37 -13.28
CA ASN B 67 13.00 1.42 -12.97
C ASN B 67 12.53 0.43 -11.96
N ILE B 68 11.79 0.92 -10.97
CA ILE B 68 11.39 0.04 -9.90
C ILE B 68 10.37 -0.90 -10.45
N VAL B 69 9.41 -0.40 -11.22
CA VAL B 69 8.35 -1.27 -11.67
C VAL B 69 8.91 -2.32 -12.62
N ASN B 70 9.95 -1.98 -13.38
CA ASN B 70 10.57 -2.91 -14.33
C ASN B 70 11.29 -4.05 -13.62
N MET B 71 12.07 -3.70 -12.61
CA MET B 71 12.75 -4.71 -11.80
C MET B 71 11.75 -5.72 -11.26
N LEU B 72 10.62 -5.23 -10.83
CA LEU B 72 9.62 -6.10 -10.20
C LEU B 72 8.91 -6.96 -11.25
N HIS B 73 8.78 -6.42 -12.44
CA HIS B 73 8.26 -7.18 -13.58
C HIS B 73 9.22 -8.29 -13.99
N GLY B 74 10.50 -8.01 -13.90
CA GLY B 74 11.53 -8.97 -14.28
C GLY B 74 11.45 -10.19 -13.38
N VAL B 75 11.48 -9.96 -12.07
CA VAL B 75 11.47 -11.06 -11.14
C VAL B 75 10.21 -11.85 -11.42
N ARG B 76 9.10 -11.14 -11.62
CA ARG B 76 7.83 -11.80 -11.93
C ARG B 76 7.91 -12.66 -13.20
N ASP B 77 8.49 -12.13 -14.26
CA ASP B 77 8.59 -12.87 -15.51
C ASP B 77 9.59 -13.99 -15.41
N GLY B 78 10.68 -13.74 -14.69
CA GLY B 78 11.71 -14.74 -14.43
C GLY B 78 11.18 -15.97 -13.70
N LEU B 79 10.36 -15.72 -12.69
CA LEU B 79 9.86 -16.80 -11.86
C LEU B 79 8.88 -17.61 -12.66
N VAL B 80 8.01 -16.92 -13.40
CA VAL B 80 7.07 -17.59 -14.28
C VAL B 80 7.78 -18.42 -15.40
N ARG B 81 8.82 -17.86 -16.02
CA ARG B 81 9.57 -18.53 -17.06
C ARG B 81 10.20 -19.78 -16.45
N ASP B 82 10.73 -19.64 -15.23
CA ASP B 82 11.45 -20.73 -14.61
C ASP B 82 10.52 -21.84 -14.18
N ALA B 83 9.36 -21.46 -13.67
CA ALA B 83 8.34 -22.44 -13.30
C ALA B 83 7.94 -23.26 -14.53
N ASN B 84 7.75 -22.58 -15.66
CA ASN B 84 7.44 -23.25 -16.93
C ASN B 84 8.55 -24.21 -17.35
N ASN B 85 9.77 -23.70 -17.39
CA ASN B 85 10.91 -24.46 -17.89
C ASN B 85 11.23 -25.66 -17.04
N TYR B 86 10.89 -25.57 -15.75
CA TYR B 86 11.13 -26.70 -14.90
C TYR B 86 10.10 -27.76 -15.26
N GLU B 87 8.84 -27.37 -15.40
CA GLU B 87 7.84 -28.33 -15.87
C GLU B 87 8.23 -28.96 -17.22
N GLN B 88 8.81 -28.15 -18.10
CA GLN B 88 9.35 -28.60 -19.40
C GLN B 88 10.48 -29.63 -19.27
N GLN B 89 11.45 -29.38 -18.40
CA GLN B 89 12.46 -30.38 -18.16
C GLN B 89 11.91 -31.71 -17.69
N GLU B 90 10.84 -31.66 -16.92
CA GLU B 90 10.25 -32.89 -16.41
C GLU B 90 9.55 -33.66 -17.50
N GLN B 91 8.75 -32.98 -18.30
CA GLN B 91 7.97 -33.68 -19.32
C GLN B 91 8.82 -34.10 -20.56
N ALA B 92 9.96 -33.45 -20.73
CA ALA B 92 10.86 -33.78 -21.81
C ALA B 92 11.62 -35.07 -21.50
N SER B 93 11.46 -35.60 -20.30
CA SER B 93 12.22 -36.78 -19.85
C SER B 93 11.28 -37.78 -19.23
N GLN B 94 9.99 -37.69 -19.60
CA GLN B 94 9.05 -38.74 -19.25
C GLN B 94 8.27 -39.24 -20.48
N GLN B 95 7.91 -38.30 -21.36
CA GLN B 95 7.23 -38.64 -22.62
C GLN B 95 7.93 -39.78 -23.35
N ILE B 96 7.27 -40.94 -23.37
CA ILE B 96 7.74 -42.19 -24.01
C ILE B 96 7.81 -43.34 -22.99
N ASP C 9 -2.06 -16.26 -16.96
CA ASP C 9 -2.45 -17.65 -17.17
C ASP C 9 -2.01 -18.53 -16.03
N VAL C 10 -2.25 -18.11 -14.79
CA VAL C 10 -1.80 -18.90 -13.64
C VAL C 10 -2.78 -18.77 -12.46
N ASP C 11 -3.05 -19.90 -11.81
CA ASP C 11 -3.93 -19.89 -10.64
C ASP C 11 -3.14 -19.64 -9.34
N ALA C 12 -2.50 -18.47 -9.24
CA ALA C 12 -1.88 -18.01 -8.00
C ALA C 12 -2.70 -16.85 -7.40
N HIS C 13 -3.98 -16.83 -7.73
CA HIS C 13 -4.84 -15.82 -7.14
C HIS C 13 -4.78 -15.92 -5.63
N GLY C 14 -4.55 -17.12 -5.14
CA GLY C 14 -4.48 -17.34 -3.71
C GLY C 14 -3.32 -16.60 -3.08
N ALA C 15 -2.21 -16.50 -3.82
CA ALA C 15 -1.00 -15.86 -3.31
C ALA C 15 -1.10 -14.34 -3.35
N MET C 16 -1.63 -13.82 -4.45
CA MET C 16 -1.92 -12.41 -4.58
C MET C 16 -2.94 -11.89 -3.53
N ILE C 17 -4.03 -12.62 -3.34
CA ILE C 17 -5.06 -12.24 -2.40
C ILE C 17 -4.48 -12.20 -1.00
N ARG C 18 -3.65 -13.16 -0.64
CA ARG C 18 -3.07 -13.16 0.70
C ARG C 18 -2.10 -12.01 0.86
N ALA C 19 -1.31 -11.75 -0.18
CA ALA C 19 -0.42 -10.59 -0.18
C ALA C 19 -1.24 -9.29 -0.03
N GLN C 20 -2.32 -9.18 -0.80
CA GLN C 20 -3.18 -8.01 -0.75
C GLN C 20 -3.83 -7.87 0.62
N ALA C 21 -4.21 -8.98 1.22
CA ALA C 21 -4.71 -8.95 2.59
C ALA C 21 -3.68 -8.40 3.60
N GLY C 22 -2.42 -8.80 3.48
CA GLY C 22 -1.40 -8.33 4.42
C GLY C 22 -1.10 -6.89 4.20
N LEU C 23 -1.26 -6.47 2.97
CA LEU C 23 -1.03 -5.10 2.65
C LEU C 23 -2.16 -4.26 3.22
N LEU C 24 -3.36 -4.80 3.18
CA LEU C 24 -4.48 -4.07 3.66
C LEU C 24 -4.45 -4.03 5.19
N GLU C 25 -4.00 -5.08 5.82
CA GLU C 25 -3.83 -5.01 7.27
C GLU C 25 -2.76 -3.98 7.70
N ALA C 26 -1.73 -3.81 6.87
CA ALA C 26 -0.68 -2.80 7.18
C ALA C 26 -1.25 -1.37 7.12
N GLU C 27 -2.16 -1.18 6.19
CA GLU C 27 -2.77 0.11 5.97
C GLU C 27 -3.76 0.39 7.08
N HIS C 28 -4.46 -0.64 7.54
CA HIS C 28 -5.31 -0.53 8.69
C HIS C 28 -4.55 -0.08 9.91
N GLN C 29 -3.49 -0.79 10.22
CA GLN C 29 -2.65 -0.43 11.35
C GLN C 29 -2.16 1.00 11.29
N ALA C 30 -1.78 1.45 10.10
CA ALA C 30 -1.23 2.79 9.96
C ALA C 30 -2.34 3.81 10.17
N ILE C 31 -3.52 3.52 9.66
CA ILE C 31 -4.67 4.33 9.89
C ILE C 31 -4.96 4.48 11.35
N VAL C 32 -4.88 3.39 12.09
CA VAL C 32 -5.14 3.45 13.54
C VAL C 32 -4.05 4.29 14.26
N ARG C 33 -2.81 4.27 13.78
CA ARG C 33 -1.77 5.08 14.44
C ARG C 33 -2.07 6.55 14.26
N ASP C 34 -2.58 6.91 13.09
CA ASP C 34 -2.92 8.29 12.85
C ASP C 34 -4.19 8.72 13.63
N VAL C 35 -5.20 7.85 13.72
CA VAL C 35 -6.37 8.12 14.56
C VAL C 35 -5.93 8.46 15.99
N LEU C 36 -5.22 7.54 16.62
CA LEU C 36 -4.60 7.84 17.91
C LEU C 36 -3.85 9.15 17.97
N ALA C 37 -3.00 9.41 16.99
CA ALA C 37 -2.23 10.65 16.96
C ALA C 37 -3.14 11.86 16.90
N ALA C 38 -4.23 11.73 16.18
CA ALA C 38 -5.19 12.80 16.09
C ALA C 38 -6.38 12.58 17.07
N GLY C 39 -6.06 11.89 18.17
CA GLY C 39 -7.04 11.52 19.17
C GLY C 39 -7.98 12.62 19.61
N ASP C 40 -7.45 13.81 19.87
CA ASP C 40 -8.26 14.93 20.37
C ASP C 40 -9.37 15.38 19.44
N PHE C 41 -9.26 15.09 18.15
CA PHE C 41 -10.35 15.30 17.20
C PHE C 41 -11.68 14.71 17.72
N TRP C 42 -11.54 13.67 18.53
CA TRP C 42 -12.64 12.94 19.11
C TRP C 42 -12.82 13.29 20.62
N GLY C 43 -11.98 14.17 21.14
CA GLY C 43 -11.94 14.41 22.56
C GLY C 43 -10.98 13.49 23.29
N GLY C 44 -10.09 12.82 22.59
CA GLY C 44 -9.11 11.99 23.27
C GLY C 44 -8.96 10.57 22.81
N ALA C 45 -7.71 10.16 22.65
CA ALA C 45 -7.40 8.85 22.11
C ALA C 45 -8.11 7.77 22.90
N GLY C 46 -8.19 7.97 24.22
CA GLY C 46 -8.86 7.03 25.10
C GLY C 46 -10.33 7.30 25.34
N SER C 47 -10.90 8.21 24.58
CA SER C 47 -12.31 8.48 24.67
C SER C 47 -13.13 7.45 23.88
N VAL C 48 -14.36 7.28 24.35
CA VAL C 48 -15.36 6.42 23.73
C VAL C 48 -15.64 6.70 22.21
N ALA C 49 -15.78 7.96 21.86
CA ALA C 49 -15.97 8.33 20.48
C ALA C 49 -14.79 7.80 19.66
N CYS C 50 -13.58 8.01 20.15
CA CYS C 50 -12.45 7.63 19.38
C CYS C 50 -12.33 6.11 19.26
N GLN C 51 -12.68 5.39 20.31
CA GLN C 51 -12.53 3.93 20.30
C GLN C 51 -13.71 3.29 19.61
N GLU C 52 -14.82 4.01 19.50
CA GLU C 52 -15.91 3.45 18.71
C GLU C 52 -15.49 3.59 17.23
N PHE C 53 -14.81 4.68 16.89
CA PHE C 53 -14.34 4.82 15.52
C PHE C 53 -13.35 3.68 15.20
N ILE C 54 -12.34 3.51 16.05
CA ILE C 54 -11.39 2.45 15.85
C ILE C 54 -12.09 1.10 15.71
N THR C 55 -13.06 0.87 16.56
CA THR C 55 -13.75 -0.39 16.56
C THR C 55 -14.58 -0.60 15.29
N GLN C 56 -15.14 0.47 14.77
CA GLN C 56 -16.01 0.37 13.63
C GLN C 56 -15.11 0.17 12.40
N LEU C 57 -13.94 0.76 12.44
CA LEU C 57 -12.98 0.58 11.40
C LEU C 57 -12.55 -0.92 11.31
N GLY C 58 -12.25 -1.52 12.47
CA GLY C 58 -11.88 -2.90 12.53
C GLY C 58 -12.96 -3.81 11.99
N ARG C 59 -14.21 -3.56 12.37
CA ARG C 59 -15.32 -4.40 11.91
C ARG C 59 -15.37 -4.44 10.37
N ASN C 60 -15.18 -3.29 9.72
CA ASN C 60 -15.13 -3.23 8.27
C ASN C 60 -13.95 -3.93 7.63
N PHE C 61 -12.74 -3.74 8.16
CA PHE C 61 -11.61 -4.51 7.63
C PHE C 61 -11.81 -6.00 7.77
N GLN C 62 -12.38 -6.39 8.90
CA GLN C 62 -12.54 -7.80 9.19
C GLN C 62 -13.47 -8.44 8.16
N VAL C 63 -14.48 -7.71 7.73
CA VAL C 63 -15.40 -8.21 6.73
C VAL C 63 -14.62 -8.49 5.45
N ILE C 64 -13.65 -7.65 5.14
CA ILE C 64 -12.90 -7.81 3.92
C ILE C 64 -12.02 -9.06 3.95
N TYR C 65 -11.38 -9.33 5.08
CA TYR C 65 -10.60 -10.56 5.23
C TYR C 65 -11.49 -11.81 5.18
N GLU C 66 -12.57 -11.80 5.96
CA GLU C 66 -13.53 -12.89 5.93
C GLU C 66 -13.84 -13.16 4.46
N GLN C 67 -14.55 -12.24 3.82
CA GLN C 67 -15.08 -12.47 2.48
C GLN C 67 -14.00 -12.83 1.51
N ALA C 68 -12.78 -12.38 1.79
CA ALA C 68 -11.61 -12.66 0.95
C ALA C 68 -11.36 -14.16 0.77
N ASN C 69 -11.61 -14.94 1.82
CA ASN C 69 -11.42 -16.40 1.81
C ASN C 69 -12.70 -17.19 1.49
N THR D 4 1.84 23.13 22.06
CA THR D 4 0.64 23.54 21.35
C THR D 4 -0.26 22.33 21.13
N ARG D 5 -1.38 22.31 21.83
CA ARG D 5 -2.34 21.24 21.67
C ARG D 5 -2.75 21.16 20.19
N PHE D 6 -2.87 19.91 19.70
CA PHE D 6 -3.34 19.61 18.34
C PHE D 6 -4.59 20.43 17.93
N MET D 7 -5.66 20.38 18.73
CA MET D 7 -6.91 21.04 18.35
C MET D 7 -6.84 22.56 18.38
N THR D 8 -5.68 23.13 18.70
CA THR D 8 -5.53 24.57 18.58
C THR D 8 -4.44 24.93 17.59
N ASP D 9 -4.09 23.96 16.75
CA ASP D 9 -3.06 24.16 15.76
C ASP D 9 -3.63 23.83 14.40
N PRO D 10 -4.14 24.84 13.70
CA PRO D 10 -4.72 24.59 12.38
C PRO D 10 -3.72 23.92 11.45
N HIS D 11 -2.46 24.31 11.57
CA HIS D 11 -1.47 23.73 10.71
C HIS D 11 -1.43 22.21 10.93
N ALA D 12 -1.32 21.78 12.19
CA ALA D 12 -1.23 20.37 12.50
C ALA D 12 -2.51 19.70 12.10
N MET D 13 -3.62 20.36 12.35
CA MET D 13 -4.94 19.81 11.99
C MET D 13 -5.01 19.61 10.51
N ARG D 14 -4.52 20.57 9.72
CA ARG D 14 -4.67 20.46 8.28
C ARG D 14 -3.67 19.48 7.63
N ASP D 15 -2.52 19.29 8.26
CA ASP D 15 -1.66 18.21 7.86
C ASP D 15 -2.33 16.86 8.11
N MET D 16 -2.84 16.67 9.32
CA MET D 16 -3.50 15.43 9.61
C MET D 16 -4.59 15.16 8.55
N ALA D 17 -5.36 16.19 8.22
CA ALA D 17 -6.39 16.08 7.19
C ALA D 17 -5.81 15.53 5.91
N GLY D 18 -4.58 15.95 5.58
CA GLY D 18 -3.87 15.45 4.40
C GLY D 18 -3.55 13.96 4.45
N ARG D 19 -2.98 13.53 5.59
CA ARG D 19 -2.72 12.14 5.88
C ARG D 19 -3.97 11.31 5.73
N PHE D 20 -5.11 11.77 6.23
CA PHE D 20 -6.32 10.96 6.14
C PHE D 20 -6.76 10.89 4.68
N GLU D 21 -6.49 11.95 3.94
CA GLU D 21 -6.73 11.93 2.51
C GLU D 21 -5.88 10.88 1.84
N VAL D 22 -4.62 10.76 2.24
CA VAL D 22 -3.77 9.71 1.67
C VAL D 22 -4.30 8.33 2.05
N HIS D 23 -4.73 8.12 3.29
CA HIS D 23 -5.22 6.76 3.64
C HIS D 23 -6.42 6.34 2.81
N ALA D 24 -7.33 7.28 2.57
CA ALA D 24 -8.51 6.99 1.79
C ALA D 24 -8.15 6.66 0.38
N GLN D 25 -7.19 7.38 -0.19
CA GLN D 25 -6.78 7.11 -1.56
C GLN D 25 -6.10 5.73 -1.69
N THR D 26 -5.33 5.34 -0.68
CA THR D 26 -4.65 4.05 -0.66
C THR D 26 -5.63 2.91 -0.50
N VAL D 27 -6.62 3.10 0.32
CA VAL D 27 -7.61 2.05 0.50
C VAL D 27 -8.39 1.86 -0.79
N GLU D 28 -8.87 2.96 -1.38
CA GLU D 28 -9.58 2.88 -2.67
C GLU D 28 -8.73 2.16 -3.72
N ASP D 29 -7.45 2.53 -3.84
CA ASP D 29 -6.58 1.86 -4.78
C ASP D 29 -6.45 0.36 -4.46
N GLU D 30 -6.38 0.01 -3.17
CA GLU D 30 -6.26 -1.39 -2.77
C GLU D 30 -7.56 -2.14 -2.95
N ALA D 31 -8.67 -1.46 -2.84
CA ALA D 31 -9.92 -2.17 -3.08
C ALA D 31 -10.01 -2.49 -4.56
N ARG D 32 -9.46 -1.64 -5.42
CA ARG D 32 -9.57 -1.87 -6.88
C ARG D 32 -8.81 -3.10 -7.36
N ARG D 33 -7.68 -3.39 -6.76
CA ARG D 33 -6.87 -4.53 -7.16
C ARG D 33 -7.45 -5.82 -6.61
N MET D 34 -8.12 -5.71 -5.47
CA MET D 34 -8.80 -6.85 -4.90
C MET D 34 -10.00 -7.22 -5.77
N TRP D 35 -10.54 -6.24 -6.49
CA TRP D 35 -11.62 -6.52 -7.43
CA TRP D 35 -11.62 -6.53 -7.42
C TRP D 35 -11.13 -7.46 -8.52
N ALA D 36 -9.86 -7.30 -8.89
CA ALA D 36 -9.31 -8.08 -10.01
C ALA D 36 -8.79 -9.46 -9.64
N SER D 37 -8.61 -9.75 -8.36
CA SER D 37 -8.11 -11.07 -7.99
C SER D 37 -9.17 -11.97 -7.34
N ALA D 38 -10.45 -11.59 -7.48
CA ALA D 38 -11.60 -12.42 -7.12
C ALA D 38 -11.63 -13.73 -7.91
N GLN D 39 -11.76 -14.85 -7.20
CA GLN D 39 -11.71 -16.14 -7.86
C GLN D 39 -13.04 -16.43 -8.55
N ALA D 52 -14.92 -19.89 -6.65
CA ALA D 52 -16.00 -19.26 -7.38
C ALA D 52 -16.61 -18.13 -6.55
N THR D 53 -16.10 -16.91 -6.70
CA THR D 53 -16.58 -15.76 -5.92
C THR D 53 -17.95 -15.20 -6.40
N SER D 54 -18.90 -15.04 -5.48
CA SER D 54 -20.28 -14.57 -5.76
C SER D 54 -20.42 -13.04 -5.82
N LEU D 55 -21.37 -12.59 -6.65
CA LEU D 55 -21.69 -11.17 -6.71
C LEU D 55 -22.06 -10.59 -5.36
N ASP D 56 -22.69 -11.40 -4.51
CA ASP D 56 -23.10 -10.95 -3.20
C ASP D 56 -21.94 -10.77 -2.21
N THR D 57 -20.95 -11.62 -2.34
CA THR D 57 -19.71 -11.52 -1.59
C THR D 57 -18.95 -10.28 -2.02
N MET D 58 -18.94 -10.00 -3.32
CA MET D 58 -18.31 -8.76 -3.78
C MET D 58 -19.07 -7.55 -3.33
N ALA D 59 -20.39 -7.66 -3.13
CA ALA D 59 -21.16 -6.52 -2.63
C ALA D 59 -20.79 -6.20 -1.17
N GLN D 60 -20.63 -7.23 -0.36
CA GLN D 60 -20.28 -7.02 1.06
C GLN D 60 -18.92 -6.43 1.17
N MET D 61 -17.99 -6.94 0.41
CA MET D 61 -16.62 -6.43 0.41
C MET D 61 -16.57 -4.97 -0.03
N ASN D 62 -17.20 -4.65 -1.15
CA ASN D 62 -17.25 -3.27 -1.56
C ASN D 62 -18.00 -2.36 -0.53
N GLN D 63 -19.04 -2.86 0.11
CA GLN D 63 -19.69 -2.07 1.12
C GLN D 63 -18.70 -1.69 2.21
N ALA D 64 -17.95 -2.68 2.68
CA ALA D 64 -16.98 -2.48 3.74
C ALA D 64 -15.96 -1.45 3.32
N PHE D 65 -15.52 -1.52 2.09
CA PHE D 65 -14.54 -0.53 1.62
C PHE D 65 -15.10 0.89 1.52
N ARG D 66 -16.28 1.03 0.93
CA ARG D 66 -16.98 2.31 0.95
C ARG D 66 -17.10 2.86 2.37
N ASN D 67 -17.51 2.03 3.32
CA ASN D 67 -17.59 2.46 4.71
C ASN D 67 -16.31 3.06 5.27
N ILE D 68 -15.19 2.39 4.98
CA ILE D 68 -13.89 2.85 5.43
C ILE D 68 -13.53 4.19 4.79
N VAL D 69 -13.78 4.35 3.50
CA VAL D 69 -13.45 5.59 2.80
C VAL D 69 -14.31 6.73 3.28
N ASN D 70 -15.59 6.46 3.57
CA ASN D 70 -16.44 7.48 4.18
C ASN D 70 -15.96 7.89 5.56
N MET D 71 -15.70 6.92 6.42
CA MET D 71 -15.07 7.21 7.69
C MET D 71 -13.83 8.10 7.53
N LEU D 72 -12.88 7.72 6.66
CA LEU D 72 -11.68 8.54 6.49
C LEU D 72 -11.97 9.94 5.91
N HIS D 73 -12.94 10.06 5.01
CA HIS D 73 -13.36 11.36 4.52
C HIS D 73 -14.00 12.19 5.62
N GLY D 74 -14.81 11.53 6.48
CA GLY D 74 -15.43 12.23 7.58
C GLY D 74 -14.34 12.89 8.40
N VAL D 75 -13.38 12.11 8.88
CA VAL D 75 -12.21 12.70 9.57
C VAL D 75 -11.51 13.86 8.83
N ARG D 76 -11.22 13.68 7.55
CA ARG D 76 -10.61 14.74 6.76
C ARG D 76 -11.46 16.00 6.74
N ASP D 77 -12.77 15.85 6.50
CA ASP D 77 -13.68 16.99 6.39
C ASP D 77 -13.89 17.66 7.71
N GLY D 78 -13.80 16.87 8.78
CA GLY D 78 -14.00 17.36 10.13
C GLY D 78 -12.80 18.16 10.58
N LEU D 79 -11.60 17.69 10.22
CA LEU D 79 -10.40 18.37 10.66
C LEU D 79 -10.30 19.69 9.95
N VAL D 80 -10.74 19.70 8.71
CA VAL D 80 -10.70 20.92 7.92
C VAL D 80 -11.66 21.98 8.46
N ARG D 81 -12.84 21.55 8.87
CA ARG D 81 -13.80 22.49 9.37
C ARG D 81 -13.39 22.98 10.78
N ASP D 82 -12.80 22.10 11.58
CA ASP D 82 -12.33 22.47 12.90
C ASP D 82 -11.24 23.52 12.80
N ALA D 83 -10.31 23.32 11.88
CA ALA D 83 -9.21 24.27 11.68
C ALA D 83 -9.70 25.60 11.15
N ASN D 84 -10.60 25.58 10.19
CA ASN D 84 -11.17 26.83 9.72
C ASN D 84 -11.95 27.57 10.80
N ASN D 85 -12.72 26.84 11.59
CA ASN D 85 -13.43 27.43 12.73
C ASN D 85 -12.50 28.05 13.74
N TYR D 86 -11.45 27.35 14.09
CA TYR D 86 -10.50 27.91 15.02
C TYR D 86 -9.78 29.13 14.43
N GLU D 87 -9.37 29.08 13.17
CA GLU D 87 -8.74 30.25 12.53
C GLU D 87 -9.65 31.44 12.61
N GLN D 88 -10.92 31.25 12.32
CA GLN D 88 -11.89 32.35 12.42
C GLN D 88 -12.00 32.94 13.83
N GLN D 89 -11.97 32.10 14.87
CA GLN D 89 -12.05 32.61 16.25
C GLN D 89 -10.84 33.45 16.59
N GLU D 90 -9.70 33.09 16.04
CA GLU D 90 -8.49 33.83 16.36
C GLU D 90 -8.44 35.16 15.65
N GLN D 91 -8.81 35.19 14.38
CA GLN D 91 -8.79 36.45 13.62
C GLN D 91 -9.79 37.44 14.23
N ALA D 92 -10.93 36.93 14.67
CA ALA D 92 -11.98 37.78 15.25
C ALA D 92 -11.49 38.39 16.53
N SER D 93 -10.92 37.57 17.41
CA SER D 93 -10.60 38.03 18.75
C SER D 93 -9.49 39.09 18.75
N GLN D 94 -8.82 39.27 17.62
CA GLN D 94 -7.90 40.40 17.46
C GLN D 94 -8.68 41.70 17.31
N GLN D 95 -9.69 41.66 16.44
CA GLN D 95 -10.48 42.83 16.09
C GLN D 95 -11.43 43.16 17.24
#